data_1SXT
#
_entry.id   1SXT
#
_cell.length_a   75.590
_cell.length_b   75.590
_cell.length_c   175.310
_cell.angle_alpha   90.00
_cell.angle_beta   90.00
_cell.angle_gamma   120.00
#
_symmetry.space_group_name_H-M   'P 31 2 1'
#
loop_
_entity.id
_entity.type
_entity.pdbx_description
1 polymer 'STAPHYLOCOCCAL ENTEROTOXIN TYPE A'
2 non-polymer 'ZINC ION'
#
_entity_poly.entity_id   1
_entity_poly.type   'polypeptide(L)'
_entity_poly.pdbx_seq_one_letter_code
;SEKSEEINEKDLRKKSELQGTALGNLKQIYYYNEKAKTENKESHDQFLQHTILFKGFFTDHSWYNDLLVDFDSKDIVDKY
KGKKVDLYGAYYGYQCAGGTPNKTACMYGGVTLHDNNRLTEEKKVPINLWLDGKQNTVPLETVKTNKKNVTVQELDLQAR
RYLQEKYNLYNSDVFDGKVQRGLIVFHTSTEPSVNYDLFGAQGQYSNTLLRIYRDNKTINSENMHIDIYLYTS
;
_entity_poly.pdbx_strand_id   A,B
#
loop_
_chem_comp.id
_chem_comp.type
_chem_comp.name
_chem_comp.formula
ZN non-polymer 'ZINC ION' 'Zn 2'
#
# COMPACT_ATOMS: atom_id res chain seq x y z
N LYS A 10 -24.81 15.70 32.85
CA LYS A 10 -25.62 14.64 32.19
C LYS A 10 -25.29 13.27 32.86
N ASP A 11 -25.71 12.18 32.22
CA ASP A 11 -25.49 10.82 32.71
C ASP A 11 -24.14 10.32 32.17
N LEU A 12 -23.17 11.24 32.12
CA LEU A 12 -21.85 10.96 31.60
C LEU A 12 -20.88 10.54 32.68
N ARG A 13 -19.93 9.69 32.32
CA ARG A 13 -18.88 9.23 33.24
C ARG A 13 -17.89 10.38 33.32
N LYS A 14 -17.16 10.45 34.43
CA LYS A 14 -16.19 11.52 34.62
C LYS A 14 -14.74 11.06 34.51
N LYS A 15 -13.87 12.01 34.14
CA LYS A 15 -12.42 11.82 33.99
C LYS A 15 -11.93 11.15 35.26
N SER A 16 -12.37 11.68 36.38
CA SER A 16 -12.05 11.12 37.68
C SER A 16 -12.80 9.80 37.72
N GLU A 17 -12.04 8.70 37.81
CA GLU A 17 -12.54 7.31 37.82
C GLU A 17 -11.58 6.59 36.85
N LEU A 18 -11.14 7.34 35.83
CA LEU A 18 -10.21 6.85 34.83
C LEU A 18 -8.77 6.84 35.39
N GLN A 19 -8.24 5.63 35.57
CA GLN A 19 -6.88 5.46 36.08
C GLN A 19 -5.86 6.25 35.22
N GLY A 20 -4.68 6.51 35.78
CA GLY A 20 -3.63 7.25 35.09
C GLY A 20 -3.09 6.57 33.83
N THR A 21 -3.27 5.26 33.75
CA THR A 21 -2.84 4.50 32.60
C THR A 21 -4.00 4.42 31.60
N ALA A 22 -5.23 4.48 32.11
CA ALA A 22 -6.39 4.44 31.24
C ALA A 22 -6.36 5.71 30.43
N LEU A 23 -6.31 6.83 31.14
CA LEU A 23 -6.27 8.17 30.54
C LEU A 23 -5.06 8.34 29.63
N GLY A 24 -3.99 7.63 29.96
CA GLY A 24 -2.77 7.70 29.16
C GLY A 24 -2.92 6.90 27.89
N ASN A 25 -3.49 5.71 28.02
CA ASN A 25 -3.70 4.87 26.86
C ASN A 25 -4.73 5.47 25.94
N LEU A 26 -5.78 6.06 26.49
CA LEU A 26 -6.76 6.70 25.63
C LEU A 26 -6.00 7.75 24.80
N LYS A 27 -5.13 8.53 25.45
CA LYS A 27 -4.36 9.55 24.76
C LYS A 27 -3.39 8.99 23.74
N GLN A 28 -2.85 7.81 23.99
CA GLN A 28 -1.92 7.23 23.02
C GLN A 28 -2.75 6.80 21.84
N ILE A 29 -3.85 6.13 22.12
CA ILE A 29 -4.71 5.63 21.07
C ILE A 29 -5.14 6.75 20.16
N TYR A 30 -5.90 7.69 20.70
CA TYR A 30 -6.44 8.79 19.91
C TYR A 30 -5.52 9.89 19.42
N TYR A 31 -4.30 9.95 19.94
CA TYR A 31 -3.34 10.97 19.54
C TYR A 31 -1.95 10.45 19.16
N TYR A 32 -1.28 9.78 20.08
CA TYR A 32 0.06 9.26 19.86
C TYR A 32 0.30 8.11 18.91
N ASN A 33 -0.73 7.30 18.64
CA ASN A 33 -0.58 6.10 17.80
C ASN A 33 -0.89 6.13 16.31
N GLU A 34 -0.38 5.12 15.60
CA GLU A 34 -0.59 5.00 14.17
C GLU A 34 -1.84 4.17 13.88
N LYS A 35 -2.72 4.68 13.02
CA LYS A 35 -3.92 3.94 12.66
C LYS A 35 -3.55 2.99 11.51
N ALA A 36 -4.34 1.94 11.32
CA ALA A 36 -4.08 0.97 10.26
C ALA A 36 -5.06 1.23 9.14
N LYS A 37 -4.59 1.81 8.04
CA LYS A 37 -5.45 2.07 6.88
C LYS A 37 -4.88 1.30 5.74
N THR A 38 -5.72 0.64 4.96
CA THR A 38 -5.23 -0.12 3.80
C THR A 38 -6.40 -0.58 2.96
N GLU A 39 -6.27 -0.37 1.66
CA GLU A 39 -7.34 -0.72 0.74
C GLU A 39 -7.24 -2.03 -0.03
N ASN A 40 -8.39 -2.48 -0.50
CA ASN A 40 -8.50 -3.67 -1.30
C ASN A 40 -7.75 -4.87 -0.75
N LYS A 41 -7.85 -5.06 0.55
CA LYS A 41 -7.21 -6.18 1.20
C LYS A 41 -8.16 -7.39 1.09
N GLU A 42 -7.64 -8.60 1.24
CA GLU A 42 -8.48 -9.81 1.18
C GLU A 42 -7.91 -10.84 2.13
N SER A 43 -8.77 -11.48 2.92
CA SER A 43 -8.31 -12.50 3.84
C SER A 43 -9.31 -13.64 3.91
N HIS A 44 -8.78 -14.86 3.91
CA HIS A 44 -9.60 -16.06 3.99
C HIS A 44 -9.45 -16.59 5.41
N ASP A 45 -8.33 -16.29 6.02
CA ASP A 45 -8.03 -16.77 7.35
C ASP A 45 -8.90 -16.27 8.47
N GLN A 46 -9.40 -17.24 9.20
CA GLN A 46 -10.24 -17.06 10.38
C GLN A 46 -9.40 -17.50 11.56
N PHE A 47 -9.73 -17.00 12.74
CA PHE A 47 -9.01 -17.41 13.92
C PHE A 47 -10.04 -17.44 15.00
N LEU A 48 -10.30 -18.65 15.49
CA LEU A 48 -11.25 -18.87 16.57
C LEU A 48 -12.58 -18.15 16.55
N GLN A 49 -13.57 -18.76 15.93
CA GLN A 49 -14.95 -18.28 15.88
C GLN A 49 -15.41 -16.89 15.43
N HIS A 50 -14.63 -15.84 15.64
CA HIS A 50 -15.11 -14.51 15.26
C HIS A 50 -14.02 -13.51 15.02
N THR A 51 -12.88 -13.95 14.53
CA THR A 51 -11.79 -13.04 14.21
C THR A 51 -11.16 -13.49 12.90
N ILE A 52 -10.77 -12.53 12.09
CA ILE A 52 -10.13 -12.81 10.81
C ILE A 52 -8.66 -12.54 11.07
N LEU A 53 -7.78 -13.27 10.40
CA LEU A 53 -6.37 -13.04 10.56
C LEU A 53 -5.84 -12.66 9.20
N PHE A 54 -5.17 -11.50 9.15
CA PHE A 54 -4.60 -11.00 7.91
C PHE A 54 -3.11 -11.23 7.98
N LYS A 55 -2.64 -12.29 7.33
CA LYS A 55 -1.22 -12.59 7.30
C LYS A 55 -0.54 -11.43 6.60
N GLY A 56 0.64 -11.05 7.08
CA GLY A 56 1.40 -9.97 6.47
C GLY A 56 0.59 -8.74 6.12
N PHE A 57 -0.15 -8.22 7.09
CA PHE A 57 -0.93 -7.01 6.87
C PHE A 57 0.06 -5.87 6.62
N PHE A 58 1.12 -5.81 7.43
CA PHE A 58 2.13 -4.76 7.37
C PHE A 58 3.17 -5.13 6.31
N THR A 59 3.31 -4.26 5.30
CA THR A 59 4.23 -4.45 4.19
C THR A 59 5.53 -3.69 4.35
N ASP A 60 5.65 -2.94 5.43
CA ASP A 60 6.88 -2.22 5.65
C ASP A 60 7.77 -3.17 6.40
N HIS A 61 8.65 -2.62 7.22
CA HIS A 61 9.53 -3.45 8.01
C HIS A 61 9.36 -3.03 9.49
N SER A 62 8.13 -3.11 10.00
CA SER A 62 7.85 -2.73 11.38
C SER A 62 7.50 -3.93 12.30
N TRP A 63 7.53 -3.72 13.61
CA TRP A 63 7.25 -4.77 14.60
C TRP A 63 6.27 -5.84 14.15
N TYR A 64 5.08 -5.41 13.74
CA TYR A 64 4.04 -6.35 13.41
C TYR A 64 3.89 -6.79 11.96
N ASN A 65 3.63 -8.07 11.79
CA ASN A 65 3.45 -8.70 10.50
C ASN A 65 1.98 -9.02 10.24
N ASP A 66 1.38 -9.77 11.15
CA ASP A 66 -0.01 -10.15 10.97
C ASP A 66 -0.88 -9.21 11.77
N LEU A 67 -2.13 -9.07 11.36
CA LEU A 67 -3.10 -8.25 12.06
C LEU A 67 -4.27 -9.19 12.42
N LEU A 68 -4.84 -9.04 13.61
CA LEU A 68 -5.95 -9.88 14.02
C LEU A 68 -7.20 -9.03 14.30
N VAL A 69 -8.12 -8.99 13.34
CA VAL A 69 -9.33 -8.19 13.47
C VAL A 69 -10.41 -8.99 14.15
N ASP A 70 -10.83 -8.53 15.32
CA ASP A 70 -11.85 -9.19 16.13
C ASP A 70 -13.17 -8.50 15.93
N PHE A 71 -14.26 -9.26 15.97
CA PHE A 71 -15.60 -8.72 15.80
C PHE A 71 -16.48 -9.42 16.80
N ASP A 72 -17.70 -8.93 16.98
CA ASP A 72 -18.64 -9.53 17.90
C ASP A 72 -19.06 -10.95 17.52
N SER A 73 -19.22 -11.22 16.23
CA SER A 73 -19.69 -12.54 15.82
C SER A 73 -19.28 -13.00 14.45
N LYS A 74 -19.51 -14.29 14.23
CA LYS A 74 -19.22 -14.94 12.97
C LYS A 74 -20.16 -14.42 11.88
N ASP A 75 -21.16 -13.63 12.26
CA ASP A 75 -22.04 -13.05 11.28
C ASP A 75 -21.22 -12.03 10.51
N ILE A 76 -20.62 -11.07 11.24
CA ILE A 76 -19.77 -10.03 10.66
C ILE A 76 -18.57 -10.67 9.92
N VAL A 77 -17.97 -11.68 10.52
CA VAL A 77 -16.84 -12.37 9.93
C VAL A 77 -17.18 -12.94 8.57
N ASP A 78 -18.34 -13.56 8.44
CA ASP A 78 -18.71 -14.15 7.17
C ASP A 78 -19.11 -13.10 6.17
N LYS A 79 -19.24 -11.86 6.61
CA LYS A 79 -19.62 -10.76 5.72
C LYS A 79 -18.39 -10.22 4.98
N TYR A 80 -17.24 -10.46 5.57
CA TYR A 80 -15.98 -9.97 5.03
C TYR A 80 -15.00 -11.04 4.60
N LYS A 81 -15.02 -12.17 5.28
CA LYS A 81 -14.10 -13.26 4.94
C LYS A 81 -14.19 -13.63 3.47
N GLY A 82 -13.07 -13.48 2.77
CA GLY A 82 -13.01 -13.79 1.36
C GLY A 82 -13.41 -12.63 0.46
N LYS A 83 -13.78 -11.50 1.06
CA LYS A 83 -14.19 -10.32 0.29
C LYS A 83 -13.07 -9.31 0.26
N LYS A 84 -13.14 -8.37 -0.69
CA LYS A 84 -12.14 -7.31 -0.81
C LYS A 84 -12.60 -6.27 0.18
N VAL A 85 -11.82 -6.08 1.22
CA VAL A 85 -12.16 -5.14 2.27
C VAL A 85 -11.16 -4.02 2.37
N ASP A 86 -11.53 -2.98 3.10
CA ASP A 86 -10.70 -1.81 3.35
C ASP A 86 -10.57 -1.73 4.88
N LEU A 87 -9.40 -1.40 5.41
CA LEU A 87 -9.23 -1.31 6.85
C LEU A 87 -8.95 0.13 7.27
N TYR A 88 -9.37 0.47 8.48
CA TYR A 88 -9.11 1.78 9.07
C TYR A 88 -9.40 1.62 10.54
N GLY A 89 -8.39 1.74 11.39
CA GLY A 89 -8.64 1.59 12.79
C GLY A 89 -7.40 1.76 13.62
N ALA A 90 -7.51 1.49 14.91
CA ALA A 90 -6.39 1.57 15.82
C ALA A 90 -6.00 0.14 16.16
N TYR A 91 -4.72 -0.18 16.01
CA TYR A 91 -4.24 -1.51 16.31
C TYR A 91 -3.33 -1.46 17.54
N TYR A 92 -3.22 -2.57 18.25
CA TYR A 92 -2.38 -2.63 19.43
C TYR A 92 -1.58 -3.90 19.49
N GLY A 93 -0.47 -3.85 20.21
CA GLY A 93 0.38 -5.02 20.37
C GLY A 93 0.24 -5.56 21.78
N TYR A 94 -0.12 -4.71 22.72
CA TYR A 94 -0.26 -5.13 24.10
C TYR A 94 -1.46 -6.00 24.37
N GLN A 95 -1.14 -7.18 24.91
CA GLN A 95 -2.12 -8.19 25.27
C GLN A 95 -2.89 -8.64 24.05
N CYS A 96 -2.26 -8.49 22.89
CA CYS A 96 -2.86 -8.91 21.65
C CYS A 96 -2.83 -10.40 21.68
N ALA A 97 -3.87 -10.97 22.29
CA ALA A 97 -4.06 -12.42 22.46
C ALA A 97 -4.24 -13.14 21.13
N GLY A 98 -3.13 -13.55 20.52
CA GLY A 98 -3.21 -14.23 19.24
C GLY A 98 -1.97 -14.89 18.63
N GLY A 99 -2.28 -15.80 17.69
CA GLY A 99 -1.34 -16.61 16.93
C GLY A 99 0.16 -16.39 16.86
N THR A 100 0.61 -15.54 15.95
CA THR A 100 2.04 -15.29 15.78
C THR A 100 2.61 -14.29 16.80
N PRO A 101 3.37 -14.80 17.80
CA PRO A 101 4.07 -14.20 18.94
C PRO A 101 4.07 -12.67 19.07
N ASN A 102 5.25 -12.05 18.98
CA ASN A 102 5.39 -10.60 19.05
C ASN A 102 5.37 -10.16 17.61
N LYS A 103 4.44 -10.72 16.84
CA LYS A 103 4.33 -10.39 15.43
C LYS A 103 2.88 -10.12 15.02
N THR A 104 1.93 -10.44 15.88
CA THR A 104 0.55 -10.20 15.55
C THR A 104 0.05 -9.02 16.36
N ALA A 105 -0.50 -8.05 15.64
CA ALA A 105 -1.06 -6.85 16.22
C ALA A 105 -2.56 -7.09 16.23
N CYS A 106 -3.31 -6.22 16.89
CA CYS A 106 -4.74 -6.41 16.98
C CYS A 106 -5.56 -5.19 16.70
N MET A 107 -6.77 -5.43 16.22
CA MET A 107 -7.73 -4.40 15.90
C MET A 107 -9.11 -4.99 16.09
N TYR A 108 -10.09 -4.14 16.36
CA TYR A 108 -11.48 -4.55 16.51
C TYR A 108 -12.17 -3.92 15.32
N GLY A 109 -12.88 -4.71 14.54
CA GLY A 109 -13.57 -4.14 13.40
C GLY A 109 -12.70 -3.29 12.50
N GLY A 110 -13.25 -2.17 12.05
CA GLY A 110 -12.54 -1.25 11.16
C GLY A 110 -12.57 -1.73 9.72
N VAL A 111 -13.09 -2.94 9.54
CA VAL A 111 -13.19 -3.56 8.22
C VAL A 111 -14.39 -3.03 7.48
N THR A 112 -14.19 -2.72 6.21
CA THR A 112 -15.23 -2.16 5.37
C THR A 112 -15.24 -2.95 4.08
N LEU A 113 -16.34 -2.94 3.34
CA LEU A 113 -16.41 -3.65 2.06
C LEU A 113 -15.91 -2.67 1.00
N HIS A 114 -14.97 -3.14 0.19
CA HIS A 114 -14.33 -2.32 -0.83
C HIS A 114 -15.12 -1.73 -2.00
N ASP A 115 -15.67 -2.62 -2.80
CA ASP A 115 -16.40 -2.25 -4.00
C ASP A 115 -17.55 -1.30 -3.80
N ASN A 116 -17.73 -0.39 -4.77
CA ASN A 116 -18.83 0.57 -4.75
C ASN A 116 -18.88 1.55 -3.58
N ASN A 117 -17.98 1.38 -2.62
CA ASN A 117 -17.99 2.24 -1.45
C ASN A 117 -17.29 3.56 -1.68
N ARG A 118 -16.20 3.52 -2.44
CA ARG A 118 -15.39 4.70 -2.74
C ARG A 118 -16.24 5.81 -3.35
N LEU A 119 -16.11 7.00 -2.78
CA LEU A 119 -16.85 8.16 -3.23
C LEU A 119 -16.15 8.89 -4.34
N THR A 120 -16.97 9.59 -5.12
CA THR A 120 -16.54 10.43 -6.23
C THR A 120 -15.55 11.46 -5.67
N GLU A 121 -16.02 12.20 -4.67
CA GLU A 121 -15.27 13.25 -3.98
C GLU A 121 -15.40 12.98 -2.50
N GLU A 122 -14.31 13.09 -1.77
CA GLU A 122 -14.33 12.82 -0.35
C GLU A 122 -15.34 13.66 0.42
N LYS A 123 -15.92 13.06 1.46
CA LYS A 123 -16.92 13.69 2.31
C LYS A 123 -16.32 14.28 3.57
N LYS A 124 -16.63 15.55 3.82
CA LYS A 124 -16.18 16.21 5.02
C LYS A 124 -17.37 16.12 5.97
N VAL A 125 -17.20 15.39 7.06
CA VAL A 125 -18.26 15.16 8.04
C VAL A 125 -18.35 16.30 9.08
N PRO A 126 -19.40 17.11 9.02
CA PRO A 126 -19.65 18.24 9.91
C PRO A 126 -19.80 17.93 11.41
N ILE A 127 -18.90 18.50 12.22
CA ILE A 127 -18.95 18.32 13.67
C ILE A 127 -19.50 19.58 14.34
N ASN A 128 -20.50 19.43 15.18
CA ASN A 128 -21.06 20.57 15.90
C ASN A 128 -20.47 20.43 17.28
N LEU A 129 -19.87 21.49 17.81
CA LEU A 129 -19.26 21.39 19.14
C LEU A 129 -19.86 22.34 20.16
N TRP A 130 -19.91 21.88 21.41
CA TRP A 130 -20.43 22.71 22.47
C TRP A 130 -19.64 22.53 23.74
N LEU A 131 -18.87 23.54 24.11
CA LEU A 131 -18.13 23.44 25.35
C LEU A 131 -18.93 24.25 26.37
N ASP A 132 -19.49 23.55 27.35
CA ASP A 132 -20.31 24.14 28.40
C ASP A 132 -21.44 24.98 27.80
N GLY A 133 -22.02 24.48 26.72
CA GLY A 133 -23.11 25.20 26.06
C GLY A 133 -22.62 26.17 25.01
N LYS A 134 -21.47 26.76 25.25
CA LYS A 134 -20.91 27.69 24.30
C LYS A 134 -20.52 26.91 23.06
N GLN A 135 -21.34 27.00 22.02
CA GLN A 135 -21.06 26.30 20.78
C GLN A 135 -19.78 26.85 20.12
N ASN A 136 -18.71 26.06 20.11
CA ASN A 136 -17.45 26.46 19.50
C ASN A 136 -17.46 25.80 18.14
N THR A 137 -16.84 26.44 17.14
CA THR A 137 -16.83 25.84 15.80
C THR A 137 -15.58 25.03 15.48
N VAL A 138 -15.81 23.92 14.79
CA VAL A 138 -14.77 23.00 14.41
C VAL A 138 -14.48 23.15 12.92
N PRO A 139 -13.21 23.01 12.53
CA PRO A 139 -12.87 23.12 11.11
C PRO A 139 -13.66 22.07 10.31
N LEU A 140 -13.84 22.31 9.02
CA LEU A 140 -14.62 21.39 8.18
C LEU A 140 -13.83 20.21 7.62
N GLU A 141 -12.51 20.29 7.72
CA GLU A 141 -11.65 19.21 7.24
C GLU A 141 -11.36 18.27 8.41
N THR A 142 -11.77 18.66 9.61
CA THR A 142 -11.52 17.89 10.82
C THR A 142 -11.74 16.39 10.66
N VAL A 143 -12.95 16.00 10.27
CA VAL A 143 -13.30 14.60 10.07
C VAL A 143 -13.74 14.41 8.62
N LYS A 144 -13.04 13.55 7.89
CA LYS A 144 -13.37 13.30 6.50
C LYS A 144 -13.18 11.83 6.08
N THR A 145 -14.00 11.38 5.14
CA THR A 145 -13.96 10.00 4.65
C THR A 145 -14.32 9.86 3.17
N ASN A 146 -13.66 8.91 2.49
CA ASN A 146 -13.90 8.62 1.08
C ASN A 146 -14.88 7.44 0.90
N LYS A 147 -15.54 7.07 1.99
CA LYS A 147 -16.46 5.95 2.00
C LYS A 147 -17.90 6.37 2.13
N LYS A 148 -18.75 5.71 1.35
CA LYS A 148 -20.18 6.00 1.39
C LYS A 148 -20.64 5.41 2.71
N ASN A 149 -20.19 4.19 3.00
CA ASN A 149 -20.52 3.50 4.25
C ASN A 149 -19.22 3.43 5.03
N VAL A 150 -19.12 4.17 6.13
CA VAL A 150 -17.89 4.18 6.92
C VAL A 150 -18.05 3.79 8.39
N THR A 151 -17.04 3.14 8.95
CA THR A 151 -17.05 2.71 10.33
C THR A 151 -17.07 3.91 11.29
N VAL A 152 -17.76 3.74 12.41
CA VAL A 152 -17.85 4.77 13.44
C VAL A 152 -16.44 5.00 13.97
N GLN A 153 -15.61 3.96 13.93
CA GLN A 153 -14.22 4.01 14.39
C GLN A 153 -13.40 4.94 13.50
N GLU A 154 -13.69 4.90 12.21
CA GLU A 154 -12.96 5.75 11.29
C GLU A 154 -13.30 7.22 11.51
N LEU A 155 -14.52 7.50 11.89
CA LEU A 155 -14.93 8.87 12.12
C LEU A 155 -14.44 9.29 13.49
N ASP A 156 -14.58 8.39 14.44
CA ASP A 156 -14.19 8.58 15.84
C ASP A 156 -12.71 8.95 16.00
N LEU A 157 -11.82 8.10 15.48
CA LEU A 157 -10.39 8.34 15.59
C LEU A 157 -9.97 9.77 15.19
N GLN A 158 -10.68 10.32 14.20
CA GLN A 158 -10.42 11.67 13.72
C GLN A 158 -11.07 12.70 14.63
N ALA A 159 -12.34 12.46 14.94
CA ALA A 159 -13.08 13.37 15.77
C ALA A 159 -12.35 13.59 17.09
N ARG A 160 -11.88 12.51 17.70
CA ARG A 160 -11.19 12.61 18.99
C ARG A 160 -9.79 13.17 18.94
N ARG A 161 -9.14 13.03 17.79
CA ARG A 161 -7.80 13.56 17.60
C ARG A 161 -7.85 15.07 17.87
N TYR A 162 -8.84 15.72 17.27
CA TYR A 162 -9.05 17.17 17.39
C TYR A 162 -9.35 17.59 18.81
N LEU A 163 -10.23 16.88 19.48
CA LEU A 163 -10.56 17.22 20.85
C LEU A 163 -9.30 17.07 21.69
N GLN A 164 -8.35 16.27 21.21
CA GLN A 164 -7.12 16.11 21.94
C GLN A 164 -6.29 17.35 21.68
N GLU A 165 -6.24 17.77 20.42
CA GLU A 165 -5.46 18.96 20.00
C GLU A 165 -6.03 20.28 20.49
N LYS A 166 -7.21 20.62 20.02
CA LYS A 166 -7.88 21.84 20.37
C LYS A 166 -8.28 21.90 21.87
N TYR A 167 -8.53 20.75 22.52
CA TYR A 167 -8.99 20.71 23.93
C TYR A 167 -8.23 19.86 24.97
N ASN A 168 -7.14 19.22 24.61
CA ASN A 168 -6.39 18.40 25.58
C ASN A 168 -7.30 17.52 26.45
N LEU A 169 -8.33 16.99 25.82
CA LEU A 169 -9.32 16.10 26.43
C LEU A 169 -8.67 15.04 27.33
N TYR A 170 -7.66 14.36 26.81
CA TYR A 170 -6.99 13.32 27.57
C TYR A 170 -5.74 13.75 28.32
N ASN A 171 -5.75 14.98 28.86
CA ASN A 171 -4.62 15.47 29.64
C ASN A 171 -4.89 15.45 31.15
N SER A 172 -3.83 15.29 31.94
CA SER A 172 -3.93 15.32 33.38
C SER A 172 -4.40 16.75 33.66
N ASP A 173 -5.32 16.92 34.61
CA ASP A 173 -5.84 18.25 34.95
C ASP A 173 -4.82 19.37 35.12
N VAL A 174 -3.56 19.00 35.35
CA VAL A 174 -2.48 19.96 35.55
C VAL A 174 -1.90 20.51 34.22
N PHE A 175 -2.06 19.73 33.16
CA PHE A 175 -1.59 20.07 31.81
C PHE A 175 -2.78 20.42 30.93
N ASP A 176 -3.70 21.18 31.50
CA ASP A 176 -4.89 21.65 30.83
C ASP A 176 -5.97 20.67 30.41
N GLY A 177 -6.09 19.54 31.12
CA GLY A 177 -7.15 18.60 30.81
C GLY A 177 -8.37 19.17 31.50
N LYS A 178 -8.97 20.21 30.92
CA LYS A 178 -10.13 20.88 31.49
C LYS A 178 -11.44 20.12 31.46
N VAL A 179 -11.83 19.66 30.27
CA VAL A 179 -13.05 18.91 30.12
C VAL A 179 -12.97 17.66 30.99
N GLN A 180 -14.01 17.45 31.78
CA GLN A 180 -14.11 16.34 32.72
C GLN A 180 -15.24 15.34 32.40
N ARG A 181 -16.02 15.63 31.35
CA ARG A 181 -17.12 14.76 30.90
C ARG A 181 -17.38 15.15 29.46
N GLY A 182 -17.79 14.18 28.64
CA GLY A 182 -18.07 14.49 27.25
C GLY A 182 -18.76 13.37 26.52
N LEU A 183 -19.47 13.73 25.45
CA LEU A 183 -20.18 12.78 24.63
C LEU A 183 -20.04 13.13 23.15
N ILE A 184 -19.79 12.11 22.35
CA ILE A 184 -19.66 12.25 20.92
C ILE A 184 -20.85 11.51 20.30
N VAL A 185 -21.50 12.13 19.33
CA VAL A 185 -22.66 11.55 18.69
C VAL A 185 -22.53 11.54 17.19
N PHE A 186 -22.68 10.36 16.61
CA PHE A 186 -22.61 10.15 15.17
C PHE A 186 -24.05 10.12 14.65
N HIS A 187 -24.60 11.33 14.52
CA HIS A 187 -25.95 11.56 14.03
C HIS A 187 -26.11 11.20 12.54
N THR A 188 -26.91 10.18 12.26
CA THR A 188 -27.09 9.78 10.88
C THR A 188 -28.47 10.09 10.35
N SER A 189 -28.50 10.40 9.06
CA SER A 189 -29.70 10.74 8.29
C SER A 189 -30.74 9.63 8.17
N THR A 190 -30.56 8.52 8.88
CA THR A 190 -31.49 7.40 8.76
C THR A 190 -31.80 6.72 10.09
N GLU A 191 -30.92 5.80 10.47
CA GLU A 191 -31.04 5.01 11.69
C GLU A 191 -30.71 5.84 12.94
N PRO A 192 -31.03 5.32 14.13
CA PRO A 192 -30.72 6.07 15.36
C PRO A 192 -29.21 6.34 15.55
N SER A 193 -28.88 7.61 15.76
CA SER A 193 -27.52 8.02 15.96
C SER A 193 -26.84 7.18 17.03
N VAL A 194 -25.53 7.01 16.85
CA VAL A 194 -24.67 6.27 17.75
C VAL A 194 -24.00 7.29 18.66
N ASN A 195 -23.96 7.00 19.95
CA ASN A 195 -23.38 7.93 20.91
C ASN A 195 -22.33 7.24 21.73
N TYR A 196 -21.24 7.94 21.98
CA TYR A 196 -20.16 7.41 22.80
C TYR A 196 -19.91 8.40 23.94
N ASP A 197 -19.46 7.87 25.06
CA ASP A 197 -19.13 8.66 26.23
C ASP A 197 -17.64 8.82 26.11
N LEU A 198 -17.17 10.05 25.94
CA LEU A 198 -15.74 10.29 25.80
C LEU A 198 -14.85 9.72 26.93
N PHE A 199 -15.47 9.27 28.03
CA PHE A 199 -14.73 8.68 29.15
C PHE A 199 -15.27 7.32 29.59
N GLY A 200 -16.26 6.78 28.89
CA GLY A 200 -16.86 5.50 29.30
C GLY A 200 -16.26 4.16 28.87
N ALA A 201 -14.97 4.16 28.54
CA ALA A 201 -14.28 2.94 28.11
C ALA A 201 -14.00 2.09 29.33
N GLN A 202 -13.78 0.80 29.13
CA GLN A 202 -13.51 -0.10 30.24
C GLN A 202 -12.09 -0.61 30.23
N GLY A 203 -11.46 -0.57 31.39
CA GLY A 203 -10.09 -1.03 31.51
C GLY A 203 -9.14 0.14 31.39
N GLN A 204 -7.85 -0.15 31.24
CA GLN A 204 -6.84 0.87 31.11
C GLN A 204 -5.87 0.57 29.98
N TYR A 205 -6.09 -0.52 29.27
CA TYR A 205 -5.23 -0.88 28.17
C TYR A 205 -6.02 -1.10 26.89
N SER A 206 -5.37 -0.96 25.75
CA SER A 206 -6.01 -1.11 24.44
C SER A 206 -6.88 -2.35 24.24
N ASN A 207 -6.55 -3.44 24.90
CA ASN A 207 -7.30 -4.70 24.80
C ASN A 207 -8.78 -4.55 25.18
N THR A 208 -9.07 -3.63 26.10
CA THR A 208 -10.44 -3.39 26.53
C THR A 208 -10.97 -2.03 26.11
N LEU A 209 -10.07 -1.06 26.00
CA LEU A 209 -10.47 0.29 25.59
C LEU A 209 -10.94 0.30 24.14
N LEU A 210 -10.22 -0.42 23.28
CA LEU A 210 -10.54 -0.49 21.86
C LEU A 210 -11.67 -1.46 21.55
N ARG A 211 -12.17 -2.15 22.57
CA ARG A 211 -13.24 -3.13 22.41
C ARG A 211 -14.59 -2.52 22.00
N ILE A 212 -14.76 -1.25 22.26
CA ILE A 212 -15.99 -0.57 21.91
C ILE A 212 -16.33 -0.71 20.43
N TYR A 213 -15.31 -0.72 19.58
CA TYR A 213 -15.47 -0.80 18.12
C TYR A 213 -15.64 -2.22 17.58
N ARG A 214 -15.65 -3.21 18.46
CA ARG A 214 -15.79 -4.61 18.12
C ARG A 214 -17.06 -4.94 17.34
N ASP A 215 -18.06 -4.07 17.42
CA ASP A 215 -19.32 -4.32 16.73
C ASP A 215 -19.27 -4.02 15.23
N ASN A 216 -18.13 -3.50 14.78
CA ASN A 216 -17.89 -3.10 13.39
C ASN A 216 -19.03 -2.31 12.82
N LYS A 217 -19.59 -1.46 13.67
CA LYS A 217 -20.73 -0.61 13.30
C LYS A 217 -20.39 0.43 12.23
N THR A 218 -20.94 0.25 11.04
CA THR A 218 -20.68 1.20 9.98
C THR A 218 -21.95 2.06 9.78
N ILE A 219 -21.79 3.29 9.29
CA ILE A 219 -22.90 4.20 9.07
C ILE A 219 -22.78 4.87 7.72
N ASN A 220 -23.84 5.55 7.30
CA ASN A 220 -23.88 6.24 6.02
C ASN A 220 -23.16 7.56 6.20
N SER A 221 -22.20 7.89 5.35
CA SER A 221 -21.44 9.12 5.47
C SER A 221 -22.17 10.29 4.80
N GLU A 222 -22.88 9.98 3.71
CA GLU A 222 -23.65 10.96 2.96
C GLU A 222 -24.74 11.54 3.87
N ASN A 223 -24.89 12.85 3.86
CA ASN A 223 -25.95 13.47 4.66
C ASN A 223 -25.91 13.09 6.16
N MET A 224 -24.74 13.12 6.79
CA MET A 224 -24.63 12.82 8.22
C MET A 224 -23.56 13.69 8.86
N HIS A 225 -23.63 13.82 10.19
CA HIS A 225 -22.66 14.64 10.91
C HIS A 225 -22.43 14.16 12.34
N ILE A 226 -21.67 14.94 13.11
CA ILE A 226 -21.33 14.60 14.48
C ILE A 226 -21.64 15.74 15.43
N ASP A 227 -21.99 15.37 16.66
CA ASP A 227 -22.27 16.33 17.70
C ASP A 227 -21.33 16.00 18.88
N ILE A 228 -20.62 17.00 19.37
CA ILE A 228 -19.72 16.77 20.49
C ILE A 228 -20.06 17.77 21.59
N TYR A 229 -20.33 17.22 22.79
CA TYR A 229 -20.70 18.01 23.96
C TYR A 229 -19.62 17.87 25.00
N LEU A 230 -18.98 18.97 25.36
CA LEU A 230 -17.93 18.92 26.35
C LEU A 230 -18.41 19.70 27.56
N TYR A 231 -17.99 19.25 28.74
CA TYR A 231 -18.37 19.91 29.98
C TYR A 231 -17.10 19.97 30.79
N THR A 232 -16.73 21.15 31.28
CA THR A 232 -15.51 21.30 32.06
C THR A 232 -15.80 21.29 33.55
N SER A 233 -16.83 20.55 33.95
CA SER A 233 -17.28 20.49 35.34
C SER A 233 -17.67 19.07 35.76
N LYS B 10 26.20 -3.23 1.34
CA LYS B 10 26.37 -4.67 0.98
C LYS B 10 27.37 -4.72 -0.19
N ASP B 11 27.53 -5.91 -0.81
CA ASP B 11 28.43 -6.14 -1.95
C ASP B 11 27.97 -5.39 -3.21
N LEU B 12 27.22 -4.32 -3.04
CA LEU B 12 26.72 -3.57 -4.18
C LEU B 12 27.86 -3.03 -5.03
N ARG B 13 27.66 -3.05 -6.34
CA ARG B 13 28.67 -2.56 -7.26
C ARG B 13 28.65 -1.04 -7.24
N LYS B 14 29.75 -0.44 -7.65
CA LYS B 14 29.86 1.01 -7.66
C LYS B 14 29.48 1.63 -9.00
N LYS B 15 28.88 2.81 -8.92
CA LYS B 15 28.47 3.52 -10.13
C LYS B 15 29.72 3.92 -10.90
N SER B 16 30.81 4.13 -10.17
CA SER B 16 32.08 4.52 -10.78
C SER B 16 32.74 3.39 -11.57
N GLU B 17 32.37 2.16 -11.23
CA GLU B 17 32.92 1.02 -11.92
C GLU B 17 32.04 0.58 -13.10
N LEU B 18 31.18 1.46 -13.58
CA LEU B 18 30.29 1.11 -14.68
C LEU B 18 31.04 0.87 -15.97
N GLN B 19 30.57 -0.07 -16.76
CA GLN B 19 31.22 -0.40 -18.02
C GLN B 19 30.99 0.72 -19.02
N GLY B 20 31.95 1.64 -19.10
CA GLY B 20 31.89 2.75 -20.03
C GLY B 20 30.73 3.74 -19.95
N THR B 21 30.08 3.97 -21.10
CA THR B 21 28.95 4.88 -21.20
C THR B 21 27.68 4.21 -20.71
N ALA B 22 27.85 3.12 -19.95
CA ALA B 22 26.74 2.35 -19.43
C ALA B 22 25.76 3.30 -18.77
N LEU B 23 26.28 4.12 -17.84
CA LEU B 23 25.48 5.06 -17.08
C LEU B 23 24.44 5.90 -17.86
N GLY B 24 24.88 6.59 -18.90
CA GLY B 24 23.95 7.41 -19.68
C GLY B 24 22.92 6.59 -20.43
N ASN B 25 23.29 5.37 -20.81
CA ASN B 25 22.39 4.48 -21.52
C ASN B 25 21.34 3.98 -20.56
N LEU B 26 21.76 3.84 -19.31
CA LEU B 26 20.87 3.39 -18.25
C LEU B 26 19.83 4.47 -18.02
N LYS B 27 20.28 5.70 -17.85
CA LYS B 27 19.36 6.81 -17.67
C LYS B 27 18.37 6.80 -18.84
N GLN B 28 18.86 6.64 -20.06
CA GLN B 28 18.01 6.64 -21.26
C GLN B 28 16.95 5.53 -21.23
N ILE B 29 17.40 4.31 -20.97
CA ILE B 29 16.55 3.12 -20.90
C ILE B 29 15.43 3.28 -19.90
N TYR B 30 15.81 3.58 -18.66
CA TYR B 30 14.89 3.72 -17.53
C TYR B 30 14.04 4.98 -17.38
N TYR B 31 14.37 6.03 -18.16
CA TYR B 31 13.67 7.30 -18.09
C TYR B 31 13.21 7.95 -19.40
N TYR B 32 13.89 7.67 -20.52
CA TYR B 32 13.55 8.27 -21.82
C TYR B 32 12.95 7.36 -22.89
N ASN B 33 13.55 6.20 -23.11
CA ASN B 33 13.08 5.28 -24.13
C ASN B 33 11.62 4.82 -23.96
N GLU B 34 10.93 4.59 -25.09
CA GLU B 34 9.54 4.15 -25.04
C GLU B 34 9.51 2.66 -24.85
N LYS B 35 8.38 2.16 -24.35
CA LYS B 35 8.29 0.75 -24.08
C LYS B 35 7.29 -0.03 -24.90
N ALA B 36 7.46 -1.33 -24.83
CA ALA B 36 6.59 -2.25 -25.49
C ALA B 36 5.67 -2.63 -24.36
N LYS B 37 4.38 -2.51 -24.60
CA LYS B 37 3.37 -2.85 -23.62
C LYS B 37 2.11 -2.95 -24.47
N THR B 38 1.52 -4.15 -24.51
CA THR B 38 0.32 -4.42 -25.31
C THR B 38 -0.32 -5.70 -24.80
N GLU B 39 -1.63 -5.80 -24.96
CA GLU B 39 -2.36 -6.96 -24.45
C GLU B 39 -2.94 -7.87 -25.51
N ASN B 40 -3.24 -9.09 -25.08
CA ASN B 40 -3.89 -10.11 -25.90
C ASN B 40 -3.24 -10.66 -27.16
N LYS B 41 -2.37 -9.88 -27.80
CA LYS B 41 -1.70 -10.31 -29.01
C LYS B 41 -1.20 -11.75 -28.91
N GLU B 42 -1.37 -12.53 -29.96
CA GLU B 42 -0.90 -13.93 -29.93
C GLU B 42 0.17 -14.21 -31.01
N SER B 43 1.01 -15.21 -30.73
CA SER B 43 2.07 -15.60 -31.65
C SER B 43 2.84 -16.83 -31.19
N HIS B 44 3.33 -17.58 -32.17
CA HIS B 44 4.14 -18.78 -31.93
C HIS B 44 5.20 -18.91 -33.03
N ASP B 45 5.49 -17.79 -33.69
CA ASP B 45 6.49 -17.73 -34.74
C ASP B 45 7.80 -17.80 -34.01
N GLN B 46 8.26 -19.01 -33.75
CA GLN B 46 9.53 -19.20 -33.06
C GLN B 46 10.64 -19.21 -34.12
N PHE B 47 10.95 -20.40 -34.61
CA PHE B 47 11.98 -20.67 -35.63
C PHE B 47 13.33 -20.87 -35.00
N LEU B 48 13.86 -19.82 -34.36
CA LEU B 48 15.14 -19.94 -33.73
C LEU B 48 14.97 -20.35 -32.29
N GLN B 49 15.87 -21.20 -31.83
CA GLN B 49 15.88 -21.70 -30.46
C GLN B 49 14.79 -21.31 -29.46
N HIS B 50 15.01 -20.16 -28.82
CA HIS B 50 14.11 -19.65 -27.80
C HIS B 50 13.83 -18.15 -28.02
N THR B 51 13.01 -17.88 -29.02
CA THR B 51 12.63 -16.53 -29.38
C THR B 51 11.23 -16.63 -29.98
N ILE B 52 10.48 -15.54 -29.87
CA ILE B 52 9.15 -15.49 -30.43
C ILE B 52 9.21 -14.21 -31.24
N LEU B 53 8.63 -14.23 -32.42
CA LEU B 53 8.65 -13.09 -33.28
C LEU B 53 7.24 -12.50 -33.34
N PHE B 54 7.11 -11.24 -32.94
CA PHE B 54 5.81 -10.59 -32.96
C PHE B 54 5.82 -9.66 -34.15
N LYS B 55 5.27 -10.19 -35.24
CA LYS B 55 5.18 -9.49 -36.50
C LYS B 55 4.20 -8.33 -36.48
N GLY B 56 4.65 -7.18 -37.00
CA GLY B 56 3.80 -5.99 -37.06
C GLY B 56 3.59 -5.29 -35.74
N PHE B 57 4.18 -5.81 -34.67
CA PHE B 57 4.06 -5.28 -33.31
C PHE B 57 3.94 -3.76 -33.23
N PHE B 58 4.95 -3.07 -33.73
CA PHE B 58 4.95 -1.62 -33.71
C PHE B 58 4.10 -1.06 -34.83
N THR B 59 2.83 -0.83 -34.53
CA THR B 59 1.90 -0.25 -35.51
C THR B 59 1.44 1.09 -34.96
N ASP B 60 1.91 2.16 -35.57
CA ASP B 60 1.56 3.54 -35.19
C ASP B 60 2.60 4.47 -35.79
N HIS B 61 3.05 5.45 -34.98
CA HIS B 61 4.10 6.38 -35.38
C HIS B 61 5.40 5.60 -35.09
N SER B 62 5.47 4.42 -35.70
CA SER B 62 6.57 3.50 -35.53
C SER B 62 7.47 3.40 -36.74
N TRP B 63 8.76 3.23 -36.45
CA TRP B 63 9.80 3.08 -37.45
C TRP B 63 9.89 1.57 -37.55
N TYR B 64 10.05 0.94 -36.40
CA TYR B 64 10.15 -0.50 -36.33
C TYR B 64 8.81 -1.11 -36.64
N ASN B 65 8.83 -2.38 -37.05
CA ASN B 65 7.62 -3.09 -37.39
C ASN B 65 7.52 -4.46 -36.71
N ASP B 66 8.60 -4.94 -36.09
CA ASP B 66 8.53 -6.26 -35.46
C ASP B 66 9.23 -6.30 -34.10
N LEU B 67 8.75 -7.16 -33.21
CA LEU B 67 9.36 -7.27 -31.89
C LEU B 67 9.82 -8.66 -31.68
N LEU B 68 11.12 -8.82 -31.50
CA LEU B 68 11.70 -10.12 -31.29
C LEU B 68 12.04 -10.32 -29.83
N VAL B 69 11.24 -11.18 -29.17
CA VAL B 69 11.38 -11.48 -27.75
C VAL B 69 12.26 -12.72 -27.53
N ASP B 70 13.29 -12.57 -26.70
CA ASP B 70 14.21 -13.65 -26.43
C ASP B 70 14.19 -13.99 -24.97
N PHE B 71 14.13 -15.29 -24.68
CA PHE B 71 14.13 -15.81 -23.32
C PHE B 71 15.41 -16.59 -23.29
N ASP B 72 15.71 -17.25 -22.19
CA ASP B 72 16.96 -18.00 -22.18
C ASP B 72 16.83 -19.51 -22.27
N SER B 73 15.61 -20.02 -22.40
CA SER B 73 15.45 -21.46 -22.51
C SER B 73 14.38 -21.70 -23.51
N LYS B 74 14.41 -22.89 -24.10
CA LYS B 74 13.45 -23.29 -25.13
C LYS B 74 12.13 -23.67 -24.51
N ASP B 75 12.15 -23.89 -23.20
CA ASP B 75 10.95 -24.24 -22.45
C ASP B 75 10.02 -23.05 -22.34
N ILE B 76 10.57 -21.94 -21.84
CA ILE B 76 9.80 -20.72 -21.62
C ILE B 76 9.01 -20.37 -22.88
N VAL B 77 9.64 -20.58 -24.03
CA VAL B 77 9.00 -20.28 -25.30
C VAL B 77 7.80 -21.20 -25.54
N ASP B 78 7.93 -22.46 -25.12
CA ASP B 78 6.86 -23.42 -25.29
C ASP B 78 5.63 -23.21 -24.44
N LYS B 79 5.69 -22.31 -23.47
CA LYS B 79 4.52 -22.04 -22.65
C LYS B 79 3.78 -20.79 -23.14
N TYR B 80 4.39 -20.08 -24.08
CA TYR B 80 3.79 -18.88 -24.65
C TYR B 80 3.50 -19.17 -26.11
N LYS B 81 3.91 -20.35 -26.54
CA LYS B 81 3.73 -20.78 -27.91
C LYS B 81 2.27 -20.90 -28.26
N GLY B 82 1.79 -19.99 -29.10
CA GLY B 82 0.41 -20.03 -29.54
C GLY B 82 -0.61 -19.45 -28.57
N LYS B 83 -0.24 -19.31 -27.31
CA LYS B 83 -1.16 -18.76 -26.32
C LYS B 83 -1.25 -17.23 -26.41
N LYS B 84 -2.41 -16.68 -26.10
CA LYS B 84 -2.60 -15.23 -26.15
C LYS B 84 -1.88 -14.61 -24.95
N VAL B 85 -0.89 -13.76 -25.25
CA VAL B 85 -0.06 -13.12 -24.25
C VAL B 85 -0.18 -11.61 -24.15
N ASP B 86 0.43 -11.07 -23.11
CA ASP B 86 0.47 -9.63 -22.85
C ASP B 86 1.97 -9.38 -22.83
N LEU B 87 2.39 -8.17 -23.18
CA LEU B 87 3.79 -7.85 -23.16
C LEU B 87 3.98 -6.54 -22.43
N TYR B 88 5.10 -6.45 -21.71
CA TYR B 88 5.47 -5.25 -20.98
C TYR B 88 6.97 -5.25 -20.76
N GLY B 89 7.65 -4.30 -21.39
CA GLY B 89 9.08 -4.24 -21.23
C GLY B 89 9.78 -3.31 -22.19
N ALA B 90 11.07 -3.12 -21.97
CA ALA B 90 11.85 -2.24 -22.80
C ALA B 90 12.44 -3.02 -23.95
N TYR B 91 12.42 -2.40 -25.11
CA TYR B 91 12.96 -3.01 -26.30
C TYR B 91 14.17 -2.24 -26.78
N TYR B 92 14.83 -2.75 -27.81
CA TYR B 92 15.99 -2.10 -28.35
C TYR B 92 16.12 -2.36 -29.84
N GLY B 93 17.00 -1.61 -30.52
CA GLY B 93 17.22 -1.75 -31.93
C GLY B 93 18.69 -2.00 -32.27
N TYR B 94 19.60 -1.39 -31.52
CA TYR B 94 21.03 -1.56 -31.78
C TYR B 94 21.48 -3.00 -31.62
N GLN B 95 21.74 -3.63 -32.76
CA GLN B 95 22.20 -5.00 -32.82
C GLN B 95 21.11 -6.00 -32.51
N CYS B 96 19.88 -5.65 -32.89
CA CYS B 96 18.76 -6.55 -32.70
C CYS B 96 19.07 -7.65 -33.72
N ALA B 97 19.71 -8.71 -33.23
CA ALA B 97 20.13 -9.85 -34.05
C ALA B 97 19.00 -10.47 -34.89
N ASN B 102 16.95 0.68 -39.28
CA ASN B 102 16.47 -0.30 -38.27
C ASN B 102 14.96 -0.55 -38.48
N LYS B 103 14.48 -1.76 -38.18
CA LYS B 103 13.07 -2.11 -38.34
C LYS B 103 12.59 -3.11 -37.33
N THR B 104 13.37 -4.16 -37.10
CA THR B 104 13.01 -5.17 -36.13
C THR B 104 13.68 -4.79 -34.82
N ALA B 105 12.89 -4.75 -33.75
CA ALA B 105 13.40 -4.40 -32.42
C ALA B 105 13.44 -5.66 -31.57
N CYS B 106 14.16 -5.63 -30.47
CA CYS B 106 14.25 -6.80 -29.58
C CYS B 106 13.69 -6.47 -28.20
N MET B 107 13.78 -7.43 -27.28
CA MET B 107 13.31 -7.30 -25.90
C MET B 107 13.55 -8.63 -25.18
N TYR B 108 14.13 -8.57 -24.00
CA TYR B 108 14.38 -9.79 -23.27
C TYR B 108 13.19 -10.06 -22.38
N GLY B 109 12.63 -11.26 -22.47
CA GLY B 109 11.47 -11.62 -21.65
C GLY B 109 10.28 -10.69 -21.76
N GLY B 110 9.80 -10.23 -20.61
CA GLY B 110 8.65 -9.33 -20.61
C GLY B 110 7.35 -9.82 -21.23
N VAL B 111 7.05 -11.10 -21.09
CA VAL B 111 5.85 -11.71 -21.67
C VAL B 111 5.16 -12.57 -20.62
N THR B 112 3.88 -12.28 -20.34
CA THR B 112 3.10 -13.07 -19.38
C THR B 112 1.86 -13.49 -20.13
N LEU B 113 1.22 -14.57 -19.66
CA LEU B 113 0.00 -15.06 -20.31
C LEU B 113 -1.16 -14.12 -20.02
N HIS B 114 -1.97 -13.86 -21.04
CA HIS B 114 -3.12 -12.97 -20.97
C HIS B 114 -4.34 -13.45 -20.20
N ASP B 115 -4.84 -14.62 -20.59
CA ASP B 115 -6.03 -15.20 -19.96
C ASP B 115 -5.91 -15.36 -18.46
N ASN B 116 -6.97 -14.95 -17.78
CA ASN B 116 -7.07 -15.03 -16.31
C ASN B 116 -5.89 -14.37 -15.61
N ASN B 117 -5.48 -13.20 -16.11
CA ASN B 117 -4.39 -12.49 -15.49
C ASN B 117 -4.79 -11.08 -15.15
N ARG B 118 -5.73 -10.52 -15.91
CA ARG B 118 -6.22 -9.15 -15.69
C ARG B 118 -6.87 -8.96 -14.32
N LEU B 119 -6.34 -8.03 -13.54
CA LEU B 119 -6.89 -7.73 -12.23
C LEU B 119 -8.12 -6.88 -12.49
N THR B 120 -9.24 -7.26 -11.88
CA THR B 120 -10.51 -6.54 -11.98
C THR B 120 -10.30 -5.08 -11.57
N GLU B 121 -9.18 -4.86 -10.88
CA GLU B 121 -8.78 -3.56 -10.37
C GLU B 121 -7.27 -3.67 -10.17
N GLU B 122 -6.53 -2.63 -10.53
CA GLU B 122 -5.08 -2.64 -10.41
C GLU B 122 -4.54 -2.68 -8.98
N LYS B 123 -3.45 -3.44 -8.80
CA LYS B 123 -2.76 -3.62 -7.53
C LYS B 123 -1.60 -2.63 -7.45
N LYS B 124 -1.72 -1.65 -6.55
CA LYS B 124 -0.66 -0.67 -6.37
C LYS B 124 0.41 -1.28 -5.49
N VAL B 125 1.53 -1.69 -6.08
CA VAL B 125 2.63 -2.30 -5.36
C VAL B 125 3.39 -1.35 -4.41
N PRO B 126 3.32 -1.58 -3.08
CA PRO B 126 4.01 -0.73 -2.08
C PRO B 126 5.52 -0.80 -2.15
N ILE B 127 6.18 0.34 -2.13
CA ILE B 127 7.64 0.41 -2.20
C ILE B 127 8.20 0.93 -0.86
N ASN B 128 9.33 0.38 -0.44
CA ASN B 128 9.98 0.79 0.78
C ASN B 128 11.30 1.37 0.33
N LEU B 129 11.70 2.50 0.86
CA LEU B 129 12.95 3.10 0.39
C LEU B 129 13.88 3.63 1.49
N TRP B 130 15.09 3.10 1.53
CA TRP B 130 16.05 3.53 2.50
C TRP B 130 17.11 4.32 1.76
N LEU B 131 17.33 5.56 2.17
CA LEU B 131 18.37 6.36 1.54
C LEU B 131 19.47 6.51 2.58
N ASP B 132 20.57 5.79 2.38
CA ASP B 132 21.70 5.83 3.32
C ASP B 132 21.25 5.37 4.69
N GLY B 133 20.38 4.37 4.73
CA GLY B 133 19.92 3.90 6.03
C GLY B 133 18.63 4.50 6.57
N LYS B 134 18.23 5.68 6.08
CA LYS B 134 17.00 6.34 6.52
C LYS B 134 15.78 5.91 5.71
N GLN B 135 14.89 5.18 6.36
CA GLN B 135 13.68 4.68 5.72
C GLN B 135 12.61 5.72 5.40
N ASN B 136 12.31 5.87 4.11
CA ASN B 136 11.29 6.80 3.59
C ASN B 136 10.11 5.96 3.11
N THR B 137 8.99 6.64 2.87
CA THR B 137 7.80 5.97 2.36
C THR B 137 7.59 6.56 0.96
N VAL B 138 7.03 5.76 0.06
CA VAL B 138 6.81 6.19 -1.33
C VAL B 138 5.34 6.01 -1.67
N PRO B 139 4.73 6.98 -2.39
CA PRO B 139 3.32 6.86 -2.75
C PRO B 139 2.95 5.51 -3.39
N LEU B 140 1.69 5.14 -3.29
CA LEU B 140 1.25 3.87 -3.82
C LEU B 140 1.05 3.85 -5.31
N GLU B 141 0.71 4.98 -5.92
CA GLU B 141 0.51 5.01 -7.37
C GLU B 141 1.82 5.01 -8.14
N THR B 142 2.93 4.81 -7.44
CA THR B 142 4.26 4.78 -8.03
C THR B 142 4.50 3.56 -8.92
N VAL B 143 4.24 2.37 -8.41
CA VAL B 143 4.42 1.17 -9.23
C VAL B 143 3.11 0.43 -9.10
N LYS B 144 2.49 0.06 -10.22
CA LYS B 144 1.24 -0.68 -10.15
C LYS B 144 1.09 -1.68 -11.29
N THR B 145 0.15 -2.59 -11.15
CA THR B 145 -0.05 -3.59 -12.17
C THR B 145 -1.46 -4.17 -12.17
N ASN B 146 -1.88 -4.69 -13.32
CA ASN B 146 -3.20 -5.30 -13.49
C ASN B 146 -2.96 -6.75 -13.91
N LYS B 147 -1.99 -7.40 -13.29
CA LYS B 147 -1.65 -8.77 -13.60
C LYS B 147 -1.47 -9.53 -12.31
N LYS B 148 -2.20 -10.64 -12.18
CA LYS B 148 -2.05 -11.47 -11.01
C LYS B 148 -0.56 -11.87 -11.03
N ASN B 149 -0.11 -12.29 -12.19
CA ASN B 149 1.28 -12.69 -12.38
C ASN B 149 1.91 -11.61 -13.22
N VAL B 150 2.72 -10.78 -12.58
CA VAL B 150 3.38 -9.68 -13.24
C VAL B 150 4.82 -10.05 -13.50
N THR B 151 5.49 -9.28 -14.35
CA THR B 151 6.88 -9.49 -14.70
C THR B 151 7.70 -8.60 -13.76
N VAL B 152 8.78 -9.11 -13.19
CA VAL B 152 9.63 -8.28 -12.31
C VAL B 152 10.09 -7.08 -13.10
N GLN B 153 10.43 -7.31 -14.37
CA GLN B 153 10.87 -6.25 -15.28
C GLN B 153 9.85 -5.12 -15.29
N GLU B 154 8.58 -5.49 -15.50
CA GLU B 154 7.50 -4.52 -15.54
C GLU B 154 7.42 -3.74 -14.23
N LEU B 155 7.71 -4.40 -13.12
CA LEU B 155 7.68 -3.73 -11.83
C LEU B 155 8.88 -2.82 -11.67
N ASP B 156 10.02 -3.32 -12.13
CA ASP B 156 11.29 -2.64 -12.05
C ASP B 156 11.43 -1.41 -12.94
N LEU B 157 10.88 -1.48 -14.15
CA LEU B 157 10.97 -0.36 -15.05
C LEU B 157 10.32 0.83 -14.36
N GLN B 158 9.21 0.58 -13.69
CA GLN B 158 8.48 1.62 -12.97
C GLN B 158 9.26 2.09 -11.77
N ALA B 159 9.76 1.16 -10.96
CA ALA B 159 10.53 1.51 -9.78
C ALA B 159 11.75 2.33 -10.15
N ARG B 160 12.49 1.90 -11.17
CA ARG B 160 13.68 2.64 -11.61
C ARG B 160 13.41 4.00 -12.23
N ARG B 161 12.21 4.19 -12.75
CA ARG B 161 11.87 5.49 -13.31
C ARG B 161 11.70 6.41 -12.11
N TYR B 162 11.08 5.91 -11.04
CA TYR B 162 10.87 6.72 -9.83
C TYR B 162 12.21 7.08 -9.23
N LEU B 163 13.12 6.14 -9.19
CA LEU B 163 14.44 6.39 -8.61
C LEU B 163 15.18 7.44 -9.40
N GLN B 164 14.92 7.51 -10.69
CA GLN B 164 15.56 8.52 -11.52
C GLN B 164 14.88 9.84 -11.18
N GLU B 165 13.58 9.88 -11.45
CA GLU B 165 12.70 11.02 -11.19
C GLU B 165 12.98 11.82 -9.91
N LYS B 166 13.04 11.13 -8.77
CA LYS B 166 13.28 11.81 -7.50
C LYS B 166 14.71 11.78 -7.03
N TYR B 167 15.48 10.79 -7.46
CA TYR B 167 16.86 10.69 -6.97
C TYR B 167 18.06 10.97 -7.89
N ASN B 168 17.81 11.20 -9.19
CA ASN B 168 18.88 11.43 -10.17
C ASN B 168 19.70 10.17 -10.08
N LEU B 169 19.04 9.03 -10.13
CA LEU B 169 19.77 7.77 -10.00
C LEU B 169 20.91 7.64 -10.98
N TYR B 170 20.59 7.66 -12.26
CA TYR B 170 21.59 7.50 -13.32
C TYR B 170 22.14 8.80 -13.92
N ASN B 171 22.48 9.73 -13.06
CA ASN B 171 23.06 11.00 -13.45
C ASN B 171 24.50 10.94 -12.99
N SER B 172 25.42 11.52 -13.76
CA SER B 172 26.82 11.52 -13.38
C SER B 172 26.97 12.40 -12.16
N ASP B 173 27.92 12.06 -11.29
CA ASP B 173 28.14 12.85 -10.10
C ASP B 173 28.06 14.32 -10.42
N VAL B 174 28.72 14.71 -11.51
CA VAL B 174 28.76 16.09 -11.97
C VAL B 174 27.36 16.71 -12.14
N PHE B 175 26.41 15.91 -12.62
CA PHE B 175 25.05 16.39 -12.85
C PHE B 175 24.06 16.01 -11.73
N ASP B 176 24.56 15.98 -10.49
CA ASP B 176 23.78 15.68 -9.30
C ASP B 176 23.29 14.25 -9.13
N GLY B 177 24.11 13.29 -9.54
CA GLY B 177 23.75 11.91 -9.36
C GLY B 177 24.50 11.63 -8.09
N LYS B 178 23.81 11.58 -6.96
CA LYS B 178 24.46 11.34 -5.68
C LYS B 178 24.50 9.88 -5.20
N VAL B 179 23.61 9.03 -5.72
CA VAL B 179 23.58 7.61 -5.33
C VAL B 179 24.74 6.89 -5.98
N GLN B 180 25.57 6.23 -5.19
CA GLN B 180 26.73 5.51 -5.70
C GLN B 180 26.50 4.01 -5.80
N ARG B 181 25.61 3.48 -4.97
CA ARG B 181 25.28 2.06 -5.01
C ARG B 181 23.81 1.95 -4.62
N GLY B 182 23.14 0.92 -5.12
CA GLY B 182 21.73 0.75 -4.81
C GLY B 182 21.29 -0.66 -5.09
N LEU B 183 20.37 -1.16 -4.28
CA LEU B 183 19.82 -2.52 -4.40
C LEU B 183 18.28 -2.55 -4.36
N ILE B 184 17.67 -3.13 -5.39
CA ILE B 184 16.22 -3.23 -5.45
C ILE B 184 15.79 -4.68 -5.22
N VAL B 185 14.92 -4.90 -4.25
CA VAL B 185 14.48 -6.26 -3.98
C VAL B 185 12.99 -6.35 -4.18
N PHE B 186 12.57 -7.39 -4.87
CA PHE B 186 11.18 -7.66 -5.17
C PHE B 186 10.70 -8.75 -4.23
N HIS B 187 10.32 -8.31 -3.04
CA HIS B 187 9.83 -9.17 -1.96
C HIS B 187 8.58 -9.99 -2.32
N THR B 188 8.79 -11.06 -3.08
CA THR B 188 7.70 -11.92 -3.52
C THR B 188 7.11 -12.65 -2.35
N SER B 189 5.80 -12.50 -2.26
CA SER B 189 4.92 -13.08 -1.25
C SER B 189 5.28 -14.49 -0.78
N THR B 190 5.11 -15.42 -1.71
CA THR B 190 5.34 -16.85 -1.52
C THR B 190 6.73 -17.30 -1.98
N GLU B 191 7.05 -16.93 -3.21
CA GLU B 191 8.33 -17.27 -3.85
C GLU B 191 9.53 -16.59 -3.18
N PRO B 192 10.75 -17.05 -3.48
CA PRO B 192 11.99 -16.48 -2.93
C PRO B 192 12.19 -15.09 -3.54
N SER B 193 12.68 -14.15 -2.74
CA SER B 193 12.88 -12.78 -3.22
C SER B 193 13.94 -12.54 -4.32
N VAL B 194 13.54 -11.76 -5.32
CA VAL B 194 14.39 -11.40 -6.46
C VAL B 194 15.04 -10.06 -6.14
N ASN B 195 16.36 -9.97 -6.27
CA ASN B 195 17.04 -8.70 -6.04
C ASN B 195 18.04 -8.33 -7.14
N TYR B 196 17.94 -7.10 -7.60
CA TYR B 196 18.80 -6.58 -8.66
C TYR B 196 19.73 -5.46 -8.19
N ASP B 197 20.95 -5.51 -8.69
CA ASP B 197 21.98 -4.52 -8.39
C ASP B 197 21.68 -3.47 -9.44
N LEU B 198 21.25 -2.29 -9.02
CA LEU B 198 20.92 -1.24 -9.96
C LEU B 198 22.15 -0.84 -10.77
N PHE B 199 23.30 -0.85 -10.11
CA PHE B 199 24.58 -0.46 -10.72
C PHE B 199 25.39 -1.69 -11.10
N GLY B 200 24.71 -2.75 -11.56
CA GLY B 200 25.44 -3.95 -11.90
C GLY B 200 25.06 -4.64 -13.20
N ALA B 201 24.52 -3.88 -14.16
CA ALA B 201 24.16 -4.47 -15.44
C ALA B 201 25.49 -4.58 -16.15
N GLN B 202 25.57 -5.34 -17.24
CA GLN B 202 26.83 -5.47 -17.95
C GLN B 202 26.84 -4.82 -19.35
N GLY B 203 27.92 -4.10 -19.64
CA GLY B 203 28.05 -3.44 -20.93
C GLY B 203 27.76 -1.95 -20.90
N GLN B 204 27.58 -1.38 -22.10
CA GLN B 204 27.26 0.04 -22.25
C GLN B 204 25.89 0.24 -22.90
N TYR B 205 25.46 -0.70 -23.74
CA TYR B 205 24.21 -0.55 -24.49
C TYR B 205 23.08 -1.55 -24.18
N SER B 206 21.89 -1.26 -24.71
CA SER B 206 20.69 -2.07 -24.48
C SER B 206 20.75 -3.55 -24.77
N ASN B 207 21.51 -3.97 -25.78
CA ASN B 207 21.55 -5.39 -26.07
C ASN B 207 22.06 -6.23 -24.91
N THR B 208 22.89 -5.64 -24.07
CA THR B 208 23.42 -6.38 -22.93
C THR B 208 22.85 -5.95 -21.59
N LEU B 209 22.58 -4.66 -21.42
CA LEU B 209 22.03 -4.16 -20.15
C LEU B 209 20.68 -4.78 -19.83
N LEU B 210 19.89 -4.95 -20.87
CA LEU B 210 18.57 -5.53 -20.74
C LEU B 210 18.55 -7.05 -20.60
N ARG B 211 19.71 -7.70 -20.64
CA ARG B 211 19.78 -9.17 -20.50
C ARG B 211 19.21 -9.66 -19.18
N ILE B 212 19.25 -8.81 -18.16
CA ILE B 212 18.73 -9.14 -16.83
C ILE B 212 17.26 -9.55 -16.82
N TYR B 213 16.58 -9.32 -17.94
CA TYR B 213 15.17 -9.64 -18.06
C TYR B 213 14.91 -10.88 -18.90
N ARG B 214 15.97 -11.41 -19.50
CA ARG B 214 15.87 -12.56 -20.39
C ARG B 214 15.19 -13.77 -19.78
N ASP B 215 15.27 -13.91 -18.47
CA ASP B 215 14.67 -15.04 -17.81
C ASP B 215 13.17 -14.89 -17.67
N ASN B 216 12.64 -13.81 -18.20
CA ASN B 216 11.21 -13.56 -18.16
C ASN B 216 10.62 -13.83 -16.77
N LYS B 217 11.39 -13.55 -15.72
CA LYS B 217 10.95 -13.79 -14.34
C LYS B 217 9.59 -13.14 -14.07
N THR B 218 8.57 -13.98 -13.81
CA THR B 218 7.22 -13.53 -13.48
C THR B 218 7.01 -13.77 -11.97
N ILE B 219 6.21 -12.93 -11.33
CA ILE B 219 5.91 -13.09 -9.92
C ILE B 219 4.50 -12.65 -9.66
N ASN B 220 3.87 -13.28 -8.68
CA ASN B 220 2.49 -12.98 -8.30
C ASN B 220 2.46 -11.64 -7.55
N SER B 221 1.62 -10.71 -8.01
CA SER B 221 1.54 -9.40 -7.38
C SER B 221 0.79 -9.34 -6.05
N GLU B 222 0.15 -10.45 -5.66
CA GLU B 222 -0.62 -10.51 -4.42
C GLU B 222 0.26 -10.46 -3.16
N ASN B 223 0.07 -9.38 -2.41
CA ASN B 223 0.82 -9.09 -1.19
C ASN B 223 2.31 -9.35 -1.27
N MET B 224 2.97 -8.48 -2.01
CA MET B 224 4.41 -8.49 -2.19
C MET B 224 4.74 -7.02 -2.28
N HIS B 225 5.98 -6.67 -1.98
CA HIS B 225 6.39 -5.28 -2.06
C HIS B 225 7.84 -5.20 -2.59
N ILE B 226 8.33 -3.99 -2.78
CA ILE B 226 9.66 -3.76 -3.32
C ILE B 226 10.50 -3.04 -2.27
N ASP B 227 11.75 -3.45 -2.08
CA ASP B 227 12.62 -2.79 -1.12
C ASP B 227 13.74 -2.10 -1.86
N ILE B 228 13.71 -0.77 -1.91
CA ILE B 228 14.75 -0.03 -2.61
C ILE B 228 15.67 0.59 -1.59
N TYR B 229 16.93 0.17 -1.66
CA TYR B 229 18.02 0.64 -0.80
C TYR B 229 18.97 1.45 -1.67
N LEU B 230 19.24 2.69 -1.27
CA LEU B 230 20.13 3.57 -2.03
C LEU B 230 21.25 4.10 -1.15
N TYR B 231 22.48 4.03 -1.65
CA TYR B 231 23.62 4.51 -0.87
C TYR B 231 24.35 5.63 -1.59
N THR B 232 24.57 6.73 -0.88
CA THR B 232 25.27 7.88 -1.43
C THR B 232 26.79 7.77 -1.30
N SER B 233 27.27 6.73 -0.62
CA SER B 233 28.70 6.51 -0.46
C SER B 233 29.13 5.22 -1.18
ZN ZN C . -26.76 16.35 15.10
ZN ZN D . 10.63 -6.11 2.27
#